data_1SUX
#
_entry.id   1SUX
#
_cell.length_a   42.870
_cell.length_b   75.580
_cell.length_c   146.450
_cell.angle_alpha   90.00
_cell.angle_beta   90.00
_cell.angle_gamma   90.00
#
_symmetry.space_group_name_H-M   'P 21 21 21'
#
loop_
_entity.id
_entity.type
_entity.pdbx_description
1 polymer 'Triosephosphate isomerase, glycosomal'
2 non-polymer 'SULFATE ION'
3 non-polymer '3-(2-BENZOTHIAZOLYLTHIO)-1-PROPANESULFONIC ACID'
4 water water
#
_entity_poly.entity_id   1
_entity_poly.type   'polypeptide(L)'
_entity_poly.pdbx_seq_one_letter_code
;MASKPQPIAAANWKCNGSESLLVPLIETLNAATFDHDVQCVVAPTFLHIPMTKARLTNPKFQIAAQNAITRSGAFTGEVS
LQILKDYGISWVVLGHSERRLYYGETNEIVAEKVAQACAAGFHVIVCVGETNEEREAGRTAAVVLTQLAAVAQKLSKEAW
SRVVIAYEPVWAIGTGKVATPQQAQEVHELLRRWVRSKLGTDIAAQLRILYGGSVTAKNARTLYQMRDINGFLVGGASLK
PEFVEIIEATK
;
_entity_poly.pdbx_strand_id   A,B
#
# COMPACT_ATOMS: atom_id res chain seq x y z
N ALA A 2 -1.68 3.24 38.14
CA ALA A 2 -0.57 3.40 39.12
C ALA A 2 0.76 3.46 38.39
N SER A 3 1.60 2.45 38.60
CA SER A 3 2.89 2.38 37.94
C SER A 3 2.67 2.29 36.44
N LYS A 4 3.70 2.63 35.67
CA LYS A 4 3.59 2.57 34.21
C LYS A 4 3.61 1.16 33.67
N PRO A 5 2.84 0.92 32.59
CA PRO A 5 2.82 -0.42 32.00
C PRO A 5 4.11 -0.59 31.20
N GLN A 6 4.28 -1.72 30.54
CA GLN A 6 5.48 -1.96 29.75
C GLN A 6 5.59 -0.89 28.65
N PRO A 7 6.75 -0.24 28.55
CA PRO A 7 6.97 0.79 27.54
C PRO A 7 7.13 0.21 26.13
N ILE A 8 6.82 1.01 25.12
CA ILE A 8 6.95 0.61 23.74
C ILE A 8 7.79 1.62 22.99
N ALA A 9 8.77 1.13 22.22
CA ALA A 9 9.62 1.99 21.41
C ALA A 9 9.39 1.50 19.97
N ALA A 10 8.55 2.22 19.24
CA ALA A 10 8.21 1.84 17.87
C ALA A 10 8.85 2.71 16.79
N ALA A 11 9.38 2.07 15.75
CA ALA A 11 10.02 2.78 14.65
C ALA A 11 9.17 2.74 13.39
N ASN A 12 8.80 3.92 12.89
CA ASN A 12 8.01 3.99 11.68
C ASN A 12 8.94 4.45 10.56
N TRP A 13 9.43 3.50 9.77
CA TRP A 13 10.35 3.83 8.70
C TRP A 13 9.67 4.54 7.53
N LYS A 14 8.34 4.64 7.61
CA LYS A 14 7.54 5.27 6.56
C LYS A 14 7.93 4.78 5.17
N CYS A 15 7.80 5.62 4.16
CA CYS A 15 8.13 5.21 2.80
C CYS A 15 9.62 5.42 2.50
N ASN A 16 10.47 4.68 3.21
CA ASN A 16 11.92 4.78 3.04
C ASN A 16 12.54 3.40 3.17
N GLY A 17 13.71 3.21 2.55
CA GLY A 17 14.38 1.94 2.67
C GLY A 17 14.92 1.33 1.39
N SER A 18 15.92 0.47 1.59
CA SER A 18 16.58 -0.25 0.53
C SER A 18 17.27 -1.41 1.25
N GLU A 19 17.52 -2.49 0.52
CA GLU A 19 18.18 -3.64 1.11
C GLU A 19 19.56 -3.23 1.68
N SER A 20 20.33 -2.50 0.88
CA SER A 20 21.66 -2.07 1.28
C SER A 20 21.64 -1.17 2.53
N LEU A 21 20.55 -0.45 2.72
CA LEU A 21 20.42 0.44 3.88
C LEU A 21 19.94 -0.32 5.12
N LEU A 22 18.89 -1.11 4.96
CA LEU A 22 18.30 -1.85 6.07
C LEU A 22 19.12 -2.99 6.67
N VAL A 23 19.90 -3.68 5.85
CA VAL A 23 20.71 -4.79 6.36
C VAL A 23 21.58 -4.37 7.55
N PRO A 24 22.40 -3.31 7.41
CA PRO A 24 23.25 -2.89 8.51
C PRO A 24 22.44 -2.37 9.71
N LEU A 25 21.35 -1.67 9.39
CA LEU A 25 20.48 -1.12 10.43
C LEU A 25 19.91 -2.26 11.28
N ILE A 26 19.46 -3.32 10.61
CA ILE A 26 18.87 -4.46 11.31
C ILE A 26 19.90 -5.18 12.18
N GLU A 27 21.15 -5.21 11.70
CA GLU A 27 22.23 -5.85 12.45
C GLU A 27 22.53 -5.09 13.74
N THR A 28 22.33 -3.77 13.70
CA THR A 28 22.56 -2.94 14.87
C THR A 28 21.48 -3.27 15.89
N LEU A 29 20.25 -3.45 15.41
CA LEU A 29 19.13 -3.80 16.26
C LEU A 29 19.35 -5.16 16.90
N ASN A 30 19.86 -6.11 16.12
CA ASN A 30 20.12 -7.45 16.63
C ASN A 30 21.19 -7.45 17.73
N ALA A 31 22.19 -6.60 17.60
CA ALA A 31 23.27 -6.52 18.58
C ALA A 31 22.92 -5.71 19.81
N ALA A 32 21.80 -5.00 19.75
CA ALA A 32 21.36 -4.16 20.87
C ALA A 32 20.72 -4.93 22.00
N THR A 33 21.11 -4.60 23.23
CA THR A 33 20.56 -5.23 24.41
C THR A 33 20.04 -4.14 25.33
N PHE A 34 18.96 -4.45 26.05
CA PHE A 34 18.36 -3.50 26.96
C PHE A 34 18.13 -4.24 28.28
N ASP A 35 18.40 -3.56 29.39
CA ASP A 35 18.24 -4.18 30.69
C ASP A 35 16.87 -3.99 31.32
N HIS A 36 15.94 -3.37 30.59
CA HIS A 36 14.60 -3.19 31.11
C HIS A 36 13.59 -3.83 30.18
N ASP A 37 12.39 -4.08 30.70
CA ASP A 37 11.32 -4.66 29.91
C ASP A 37 10.77 -3.59 29.00
N VAL A 38 10.86 -3.83 27.70
CA VAL A 38 10.37 -2.88 26.71
C VAL A 38 10.02 -3.61 25.43
N GLN A 39 8.89 -3.22 24.84
CA GLN A 39 8.47 -3.83 23.59
C GLN A 39 8.95 -2.94 22.46
N CYS A 40 9.90 -3.44 21.67
CA CYS A 40 10.42 -2.68 20.55
C CYS A 40 9.65 -3.10 19.29
N VAL A 41 9.43 -2.13 18.41
CA VAL A 41 8.69 -2.40 17.18
C VAL A 41 9.32 -1.66 16.01
N VAL A 42 9.35 -2.33 14.86
CA VAL A 42 9.89 -1.74 13.65
C VAL A 42 8.84 -1.99 12.57
N ALA A 43 8.47 -0.92 11.86
CA ALA A 43 7.48 -1.01 10.81
C ALA A 43 8.04 -0.60 9.47
N PRO A 44 8.50 -1.59 8.66
CA PRO A 44 9.08 -1.36 7.34
C PRO A 44 7.95 -1.25 6.31
N THR A 45 8.29 -0.87 5.08
CA THR A 45 7.29 -0.80 4.03
C THR A 45 6.92 -2.27 3.82
N PHE A 46 5.78 -2.54 3.19
CA PHE A 46 5.38 -3.92 2.94
C PHE A 46 6.49 -4.67 2.22
N LEU A 47 7.09 -4.01 1.22
CA LEU A 47 8.15 -4.63 0.43
C LEU A 47 9.36 -5.08 1.24
N HIS A 48 9.61 -4.40 2.36
CA HIS A 48 10.76 -4.72 3.20
C HIS A 48 10.46 -5.60 4.40
N ILE A 49 9.19 -5.95 4.61
CA ILE A 49 8.84 -6.80 5.74
C ILE A 49 9.50 -8.18 5.61
N PRO A 50 9.48 -8.78 4.40
CA PRO A 50 10.10 -10.09 4.23
C PRO A 50 11.58 -10.15 4.65
N MET A 51 12.40 -9.21 4.16
CA MET A 51 13.80 -9.21 4.51
C MET A 51 13.98 -8.90 6.00
N THR A 52 13.13 -8.06 6.55
CA THR A 52 13.22 -7.71 7.96
C THR A 52 12.89 -8.91 8.84
N LYS A 53 11.79 -9.60 8.54
CA LYS A 53 11.40 -10.76 9.32
C LYS A 53 12.42 -11.87 9.24
N ALA A 54 13.11 -11.96 8.10
CA ALA A 54 14.11 -13.00 7.90
C ALA A 54 15.42 -12.69 8.62
N ARG A 55 15.75 -11.40 8.78
CA ARG A 55 17.00 -11.02 9.42
C ARG A 55 16.92 -10.61 10.89
N LEU A 56 15.84 -9.94 11.29
CA LEU A 56 15.70 -9.50 12.68
C LEU A 56 15.59 -10.69 13.64
N THR A 57 16.48 -10.73 14.63
CA THR A 57 16.50 -11.81 15.61
C THR A 57 16.28 -11.35 17.05
N ASN A 58 16.39 -10.04 17.29
CA ASN A 58 16.22 -9.55 18.66
C ASN A 58 14.83 -9.88 19.19
N PRO A 59 14.77 -10.74 20.22
CA PRO A 59 13.50 -11.17 20.83
C PRO A 59 12.62 -10.05 21.41
N LYS A 60 13.19 -8.90 21.72
CA LYS A 60 12.40 -7.80 22.27
C LYS A 60 11.74 -7.00 21.16
N PHE A 61 11.93 -7.43 19.91
CA PHE A 61 11.38 -6.75 18.76
C PHE A 61 10.26 -7.50 18.05
N GLN A 62 9.27 -6.75 17.59
CA GLN A 62 8.15 -7.29 16.82
C GLN A 62 8.09 -6.48 15.53
N ILE A 63 7.59 -7.09 14.46
CA ILE A 63 7.49 -6.37 13.20
C ILE A 63 6.05 -5.94 12.95
N ALA A 64 5.90 -4.69 12.53
CA ALA A 64 4.57 -4.15 12.28
C ALA A 64 4.46 -3.62 10.87
N ALA A 65 3.24 -3.66 10.33
CA ALA A 65 2.98 -3.13 9.01
C ALA A 65 2.60 -1.67 9.28
N GLN A 66 2.82 -0.80 8.29
CA GLN A 66 2.52 0.62 8.42
C GLN A 66 1.06 0.94 8.11
N ASN A 67 0.31 -0.04 7.62
CA ASN A 67 -1.08 0.14 7.26
C ASN A 67 -1.65 -1.19 6.79
N ALA A 68 -2.95 -1.23 6.56
CA ALA A 68 -3.62 -2.43 6.08
C ALA A 68 -5.09 -2.12 5.87
N ILE A 69 -5.77 -2.92 5.05
CA ILE A 69 -7.20 -2.73 4.84
C ILE A 69 -7.88 -3.90 5.55
N THR A 70 -9.16 -3.74 5.86
CA THR A 70 -9.89 -4.77 6.59
C THR A 70 -10.16 -6.09 5.88
N ARG A 71 -10.20 -6.08 4.55
CA ARG A 71 -10.55 -7.28 3.81
C ARG A 71 -9.70 -7.59 2.57
N SER A 72 -9.41 -8.87 2.36
CA SER A 72 -8.65 -9.28 1.18
C SER A 72 -9.66 -9.25 0.04
N GLY A 73 -9.20 -9.01 -1.19
CA GLY A 73 -10.13 -8.97 -2.30
C GLY A 73 -9.71 -8.07 -3.44
N ALA A 74 -10.69 -7.57 -4.17
CA ALA A 74 -10.44 -6.70 -5.32
C ALA A 74 -10.10 -5.29 -4.89
N PHE A 75 -8.93 -5.14 -4.29
CA PHE A 75 -8.45 -3.84 -3.82
C PHE A 75 -7.00 -3.67 -4.27
N THR A 76 -6.84 -3.55 -5.58
CA THR A 76 -5.53 -3.41 -6.20
C THR A 76 -4.64 -2.40 -5.49
N GLY A 77 -3.42 -2.83 -5.16
CA GLY A 77 -2.46 -1.97 -4.50
C GLY A 77 -2.42 -2.06 -2.98
N GLU A 78 -3.47 -2.60 -2.37
CA GLU A 78 -3.55 -2.69 -0.91
C GLU A 78 -3.13 -4.06 -0.36
N VAL A 79 -2.90 -4.08 0.96
CA VAL A 79 -2.53 -5.29 1.69
C VAL A 79 -3.48 -5.43 2.87
N SER A 80 -4.17 -6.56 2.95
CA SER A 80 -5.14 -6.79 4.03
C SER A 80 -4.53 -7.34 5.32
N LEU A 81 -5.31 -7.27 6.40
CA LEU A 81 -4.88 -7.78 7.68
C LEU A 81 -4.68 -9.30 7.59
N GLN A 82 -5.60 -9.98 6.91
CA GLN A 82 -5.48 -11.43 6.77
C GLN A 82 -4.17 -11.79 6.08
N ILE A 83 -3.82 -11.06 5.03
CA ILE A 83 -2.57 -11.30 4.31
C ILE A 83 -1.38 -11.15 5.26
N LEU A 84 -1.43 -10.13 6.10
CA LEU A 84 -0.33 -9.90 7.05
C LEU A 84 -0.29 -11.00 8.10
N LYS A 85 -1.47 -11.38 8.60
CA LYS A 85 -1.57 -12.43 9.60
C LYS A 85 -0.99 -13.72 9.07
N ASP A 86 -1.35 -14.07 7.84
CA ASP A 86 -0.84 -15.28 7.22
C ASP A 86 0.68 -15.25 7.10
N TYR A 87 1.24 -14.05 6.95
CA TYR A 87 2.68 -13.90 6.83
C TYR A 87 3.37 -13.87 8.20
N GLY A 88 2.58 -13.91 9.27
CA GLY A 88 3.14 -13.90 10.60
C GLY A 88 3.38 -12.53 11.21
N ILE A 89 2.71 -11.52 10.67
CA ILE A 89 2.83 -10.16 11.17
C ILE A 89 1.66 -9.93 12.13
N SER A 90 1.97 -9.59 13.38
CA SER A 90 0.92 -9.39 14.37
C SER A 90 0.80 -7.98 14.94
N TRP A 91 1.58 -7.04 14.41
CA TRP A 91 1.51 -5.65 14.84
C TRP A 91 1.22 -4.81 13.61
N VAL A 92 0.47 -3.72 13.79
CA VAL A 92 0.15 -2.83 12.69
C VAL A 92 -0.17 -1.42 13.14
N VAL A 93 0.28 -0.44 12.35
CA VAL A 93 0.05 0.97 12.64
C VAL A 93 -1.16 1.38 11.81
N LEU A 94 -2.15 2.01 12.45
CA LEU A 94 -3.35 2.42 11.75
C LEU A 94 -3.75 3.85 12.06
N GLY A 95 -4.23 4.55 11.04
CA GLY A 95 -4.68 5.92 11.23
C GLY A 95 -3.59 6.96 11.29
N HIS A 96 -2.40 6.66 10.77
CA HIS A 96 -1.33 7.65 10.79
C HIS A 96 -1.81 8.94 10.15
N SER A 97 -1.39 10.07 10.71
CA SER A 97 -1.79 11.38 10.21
C SER A 97 -1.62 11.53 8.70
N GLU A 98 -0.54 10.97 8.17
CA GLU A 98 -0.28 11.04 6.73
C GLU A 98 -1.36 10.31 5.93
N ARG A 99 -1.91 9.25 6.48
CA ARG A 99 -2.96 8.51 5.79
C ARG A 99 -4.31 9.20 5.95
N ARG A 100 -4.52 9.86 7.09
CA ARG A 100 -5.77 10.59 7.33
C ARG A 100 -5.80 11.81 6.40
N LEU A 101 -4.62 12.39 6.18
CA LEU A 101 -4.50 13.58 5.35
C LEU A 101 -4.37 13.37 3.84
N TYR A 102 -3.53 12.42 3.42
CA TYR A 102 -3.34 12.19 1.99
C TYR A 102 -4.17 11.07 1.37
N TYR A 103 -4.50 10.05 2.16
CA TYR A 103 -5.21 8.91 1.60
C TYR A 103 -6.61 8.62 2.08
N GLY A 104 -7.38 9.69 2.28
CA GLY A 104 -8.77 9.60 2.69
C GLY A 104 -9.19 8.75 3.87
N GLU A 105 -8.33 8.58 4.87
CA GLU A 105 -8.72 7.78 6.02
C GLU A 105 -9.47 8.60 7.07
N THR A 106 -10.80 8.56 6.98
CA THR A 106 -11.67 9.27 7.91
C THR A 106 -11.62 8.59 9.28
N ASN A 107 -12.21 9.22 10.29
CA ASN A 107 -12.22 8.62 11.61
C ASN A 107 -12.90 7.27 11.58
N GLU A 108 -13.98 7.17 10.80
CA GLU A 108 -14.73 5.92 10.67
C GLU A 108 -13.93 4.82 9.97
N ILE A 109 -13.26 5.18 8.88
CA ILE A 109 -12.46 4.20 8.15
C ILE A 109 -11.37 3.64 9.06
N VAL A 110 -10.71 4.52 9.79
CA VAL A 110 -9.66 4.13 10.71
C VAL A 110 -10.25 3.18 11.76
N ALA A 111 -11.41 3.53 12.29
CA ALA A 111 -12.07 2.71 13.29
C ALA A 111 -12.37 1.30 12.78
N GLU A 112 -12.82 1.18 11.53
CA GLU A 112 -13.12 -0.14 10.97
C GLU A 112 -11.84 -0.96 10.91
N LYS A 113 -10.76 -0.30 10.48
CA LYS A 113 -9.46 -0.97 10.37
C LYS A 113 -9.01 -1.47 11.73
N VAL A 114 -9.05 -0.60 12.73
CA VAL A 114 -8.64 -0.96 14.08
C VAL A 114 -9.49 -2.09 14.64
N ALA A 115 -10.80 -2.03 14.41
CA ALA A 115 -11.72 -3.05 14.89
C ALA A 115 -11.39 -4.42 14.32
N GLN A 116 -11.22 -4.49 13.00
CA GLN A 116 -10.90 -5.77 12.38
C GLN A 116 -9.50 -6.25 12.79
N ALA A 117 -8.56 -5.32 12.97
CA ALA A 117 -7.22 -5.70 13.37
C ALA A 117 -7.24 -6.35 14.75
N CYS A 118 -7.96 -5.74 15.68
CA CYS A 118 -8.07 -6.29 17.04
C CYS A 118 -8.74 -7.65 17.00
N ALA A 119 -9.81 -7.76 16.23
CA ALA A 119 -10.53 -9.03 16.12
C ALA A 119 -9.62 -10.10 15.56
N ALA A 120 -8.69 -9.69 14.71
CA ALA A 120 -7.74 -10.62 14.08
C ALA A 120 -6.56 -10.93 15.00
N GLY A 121 -6.56 -10.36 16.20
CA GLY A 121 -5.49 -10.63 17.15
C GLY A 121 -4.27 -9.74 17.07
N PHE A 122 -4.34 -8.69 16.27
CA PHE A 122 -3.21 -7.76 16.12
C PHE A 122 -3.09 -6.80 17.30
N HIS A 123 -1.87 -6.36 17.55
CA HIS A 123 -1.62 -5.34 18.57
C HIS A 123 -1.65 -4.12 17.65
N VAL A 124 -2.55 -3.18 17.93
CA VAL A 124 -2.70 -2.03 17.08
C VAL A 124 -2.17 -0.71 17.65
N ILE A 125 -1.36 -0.02 16.87
CA ILE A 125 -0.86 1.29 17.31
C ILE A 125 -1.76 2.26 16.57
N VAL A 126 -2.76 2.75 17.28
CA VAL A 126 -3.74 3.69 16.73
C VAL A 126 -3.23 5.12 16.87
N CYS A 127 -3.08 5.81 15.75
CA CYS A 127 -2.59 7.19 15.76
C CYS A 127 -3.70 8.23 15.86
N VAL A 128 -3.43 9.28 16.62
CA VAL A 128 -4.35 10.41 16.80
C VAL A 128 -3.50 11.66 16.89
N GLY A 129 -4.10 12.82 16.64
CA GLY A 129 -3.33 14.05 16.70
C GLY A 129 -4.03 15.18 15.95
N GLU A 130 -3.83 16.40 16.43
CA GLU A 130 -4.45 17.58 15.82
C GLU A 130 -3.46 18.29 14.89
N THR A 131 -3.98 19.10 13.98
CA THR A 131 -3.14 19.84 13.06
C THR A 131 -2.72 21.15 13.73
N ASN A 132 -1.85 21.89 13.08
CA ASN A 132 -1.41 23.17 13.62
C ASN A 132 -2.61 24.10 13.74
N GLU A 133 -3.42 24.16 12.68
CA GLU A 133 -4.60 25.02 12.69
C GLU A 133 -5.57 24.67 13.81
N GLU A 134 -5.80 23.38 14.00
CA GLU A 134 -6.71 22.94 15.05
C GLU A 134 -6.18 23.37 16.41
N ARG A 135 -4.89 23.22 16.65
CA ARG A 135 -4.36 23.65 17.95
C ARG A 135 -4.45 25.16 18.12
N GLU A 136 -4.16 25.91 17.05
CA GLU A 136 -4.22 27.37 17.13
C GLU A 136 -5.64 27.83 17.47
N ALA A 137 -6.62 27.12 16.92
CA ALA A 137 -8.03 27.45 17.15
C ALA A 137 -8.56 26.88 18.45
N GLY A 138 -7.68 26.24 19.22
CA GLY A 138 -8.08 25.65 20.49
C GLY A 138 -8.96 24.42 20.38
N ARG A 139 -8.83 23.67 19.29
CA ARG A 139 -9.66 22.49 19.06
C ARG A 139 -8.96 21.16 19.33
N THR A 140 -7.75 21.22 19.87
CA THR A 140 -6.98 20.01 20.15
C THR A 140 -7.77 18.90 20.83
N ALA A 141 -8.34 19.18 22.00
CA ALA A 141 -9.10 18.18 22.75
C ALA A 141 -10.27 17.62 21.96
N ALA A 142 -11.06 18.51 21.38
CA ALA A 142 -12.21 18.09 20.59
C ALA A 142 -11.78 17.15 19.47
N VAL A 143 -10.71 17.51 18.78
CA VAL A 143 -10.21 16.69 17.67
C VAL A 143 -9.72 15.30 18.07
N VAL A 144 -8.76 15.22 19.00
CA VAL A 144 -8.24 13.92 19.40
C VAL A 144 -9.27 13.01 20.07
N LEU A 145 -10.18 13.60 20.83
CA LEU A 145 -11.21 12.82 21.50
C LEU A 145 -12.20 12.26 20.47
N THR A 146 -12.46 13.04 19.43
CA THR A 146 -13.36 12.60 18.37
C THR A 146 -12.71 11.44 17.61
N GLN A 147 -11.41 11.53 17.38
CA GLN A 147 -10.69 10.47 16.68
C GLN A 147 -10.68 9.19 17.52
N LEU A 148 -10.38 9.35 18.81
CA LEU A 148 -10.34 8.22 19.73
C LEU A 148 -11.72 7.60 19.96
N ALA A 149 -12.73 8.45 20.12
CA ALA A 149 -14.09 7.99 20.35
C ALA A 149 -14.62 7.15 19.18
N ALA A 150 -14.28 7.55 17.95
CA ALA A 150 -14.74 6.82 16.78
C ALA A 150 -14.21 5.38 16.82
N VAL A 151 -12.96 5.23 17.27
CA VAL A 151 -12.33 3.92 17.37
C VAL A 151 -12.91 3.10 18.52
N ALA A 152 -12.97 3.71 19.70
CA ALA A 152 -13.50 3.04 20.89
C ALA A 152 -14.90 2.46 20.68
N GLN A 153 -15.75 3.20 19.98
CA GLN A 153 -17.12 2.75 19.73
C GLN A 153 -17.21 1.41 19.02
N LYS A 154 -16.17 1.03 18.28
CA LYS A 154 -16.19 -0.24 17.56
C LYS A 154 -15.45 -1.35 18.28
N LEU A 155 -14.81 -1.02 19.39
CA LEU A 155 -14.06 -2.03 20.15
C LEU A 155 -14.76 -2.57 21.38
N SER A 156 -14.47 -3.81 21.72
CA SER A 156 -15.03 -4.44 22.90
C SER A 156 -14.07 -4.14 24.04
N LYS A 157 -14.48 -4.40 25.27
CA LYS A 157 -13.63 -4.14 26.43
C LYS A 157 -12.33 -4.92 26.34
N GLU A 158 -12.46 -6.18 25.95
CA GLU A 158 -11.32 -7.09 25.83
C GLU A 158 -10.27 -6.64 24.80
N ALA A 159 -10.74 -6.06 23.70
CA ALA A 159 -9.84 -5.61 22.63
C ALA A 159 -8.76 -4.62 23.08
N TRP A 160 -9.03 -3.86 24.13
CA TRP A 160 -8.07 -2.86 24.60
C TRP A 160 -6.71 -3.39 25.07
N SER A 161 -6.64 -4.68 25.38
CA SER A 161 -5.37 -5.25 25.83
C SER A 161 -4.38 -5.28 24.67
N ARG A 162 -4.89 -5.17 23.45
CA ARG A 162 -4.05 -5.19 22.25
C ARG A 162 -4.01 -3.82 21.56
N VAL A 163 -4.55 -2.82 22.25
CA VAL A 163 -4.58 -1.46 21.70
C VAL A 163 -3.48 -0.58 22.29
N VAL A 164 -2.87 0.22 21.42
CA VAL A 164 -1.83 1.15 21.82
C VAL A 164 -2.17 2.47 21.13
N ILE A 165 -2.10 3.57 21.88
CA ILE A 165 -2.41 4.85 21.29
C ILE A 165 -1.11 5.62 21.04
N ALA A 166 -1.01 6.23 19.88
CA ALA A 166 0.16 7.03 19.56
C ALA A 166 -0.32 8.44 19.27
N TYR A 167 0.09 9.38 20.11
CA TYR A 167 -0.29 10.77 19.90
C TYR A 167 0.82 11.47 19.15
N GLU A 168 0.52 11.92 17.95
CA GLU A 168 1.50 12.62 17.14
C GLU A 168 0.92 13.93 16.64
N PRO A 169 1.24 15.05 17.29
CA PRO A 169 0.72 16.35 16.87
C PRO A 169 1.23 16.53 15.44
N VAL A 170 0.33 16.85 14.51
CA VAL A 170 0.76 17.01 13.11
C VAL A 170 1.85 18.06 12.95
N TRP A 171 1.78 19.14 13.72
CA TRP A 171 2.79 20.19 13.64
C TRP A 171 4.16 19.74 14.15
N ALA A 172 4.22 18.54 14.73
CA ALA A 172 5.47 18.01 15.26
C ALA A 172 6.06 16.91 14.38
N ILE A 173 5.36 16.55 13.32
CA ILE A 173 5.84 15.49 12.43
C ILE A 173 6.82 15.97 11.36
N GLY A 174 8.06 15.54 11.49
CA GLY A 174 9.11 15.90 10.54
C GLY A 174 9.47 17.38 10.48
N THR A 175 8.99 18.14 11.45
CA THR A 175 9.25 19.58 11.49
C THR A 175 10.41 19.99 12.40
N GLY A 176 10.89 19.07 13.22
CA GLY A 176 11.96 19.41 14.13
C GLY A 176 11.39 20.21 15.30
N LYS A 177 10.07 20.28 15.36
CA LYS A 177 9.39 21.01 16.42
C LYS A 177 8.63 20.02 17.32
N VAL A 178 9.37 19.40 18.22
CA VAL A 178 8.80 18.41 19.14
C VAL A 178 7.93 19.08 20.18
N ALA A 179 6.88 18.39 20.61
CA ALA A 179 5.99 18.93 21.63
C ALA A 179 6.79 18.98 22.92
N THR A 180 6.57 20.02 23.74
CA THR A 180 7.27 20.12 25.01
C THR A 180 6.74 19.00 25.88
N PRO A 181 7.49 18.59 26.91
CA PRO A 181 7.03 17.53 27.81
C PRO A 181 5.64 17.84 28.35
N GLN A 182 5.41 19.10 28.68
CA GLN A 182 4.12 19.54 29.23
C GLN A 182 3.00 19.39 28.19
N GLN A 183 3.26 19.84 26.96
CA GLN A 183 2.26 19.74 25.90
C GLN A 183 1.85 18.31 25.63
N ALA A 184 2.83 17.41 25.61
CA ALA A 184 2.56 16.00 25.37
C ALA A 184 1.81 15.38 26.54
N GLN A 185 2.33 15.58 27.75
CA GLN A 185 1.71 15.05 28.97
C GLN A 185 0.24 15.46 29.06
N GLU A 186 -0.03 16.72 28.75
CA GLU A 186 -1.37 17.27 28.81
C GLU A 186 -2.36 16.50 27.93
N VAL A 187 -1.93 16.15 26.73
CA VAL A 187 -2.80 15.42 25.82
C VAL A 187 -2.89 13.95 26.22
N HIS A 188 -1.77 13.35 26.60
CA HIS A 188 -1.79 11.94 27.02
C HIS A 188 -2.76 11.77 28.18
N GLU A 189 -2.72 12.72 29.12
CA GLU A 189 -3.62 12.71 30.28
C GLU A 189 -5.06 12.73 29.81
N LEU A 190 -5.36 13.68 28.94
CA LEU A 190 -6.70 13.82 28.39
C LEU A 190 -7.19 12.51 27.79
N LEU A 191 -6.33 11.89 26.98
CA LEU A 191 -6.67 10.63 26.32
C LEU A 191 -6.92 9.51 27.34
N ARG A 192 -5.98 9.33 28.27
CA ARG A 192 -6.10 8.28 29.28
C ARG A 192 -7.29 8.49 30.19
N ARG A 193 -7.55 9.75 30.55
CA ARG A 193 -8.68 10.07 31.41
C ARG A 193 -10.00 9.76 30.72
N TRP A 194 -10.04 9.98 29.40
CA TRP A 194 -11.26 9.71 28.65
C TRP A 194 -11.47 8.20 28.65
N VAL A 195 -10.41 7.46 28.33
CA VAL A 195 -10.49 6.00 28.30
C VAL A 195 -10.96 5.48 29.65
N ARG A 196 -10.43 6.07 30.72
CA ARG A 196 -10.82 5.64 32.07
C ARG A 196 -12.31 5.88 32.32
N SER A 197 -12.83 7.02 31.85
CA SER A 197 -14.24 7.33 32.05
C SER A 197 -15.16 6.35 31.34
N LYS A 198 -14.69 5.80 30.22
CA LYS A 198 -15.48 4.87 29.43
C LYS A 198 -15.19 3.40 29.71
N LEU A 199 -13.95 3.09 30.07
CA LEU A 199 -13.56 1.69 30.30
C LEU A 199 -13.07 1.28 31.69
N GLY A 200 -12.86 2.24 32.58
CA GLY A 200 -12.42 1.88 33.92
C GLY A 200 -10.95 2.03 34.28
N THR A 201 -10.69 1.94 35.57
CA THR A 201 -9.35 2.06 36.14
C THR A 201 -8.28 1.18 35.50
N ASP A 202 -8.50 -0.13 35.50
CA ASP A 202 -7.53 -1.08 34.97
C ASP A 202 -7.13 -0.88 33.51
N ILE A 203 -8.11 -0.80 32.61
CA ILE A 203 -7.80 -0.62 31.20
C ILE A 203 -7.04 0.68 30.95
N ALA A 204 -7.45 1.75 31.63
CA ALA A 204 -6.80 3.05 31.47
C ALA A 204 -5.37 3.01 31.98
N ALA A 205 -5.16 2.29 33.09
CA ALA A 205 -3.82 2.19 33.68
C ALA A 205 -2.88 1.34 32.85
N GLN A 206 -3.39 0.29 32.23
CA GLN A 206 -2.57 -0.61 31.45
C GLN A 206 -2.36 -0.19 30.00
N LEU A 207 -3.10 0.82 29.57
CA LEU A 207 -3.01 1.33 28.21
C LEU A 207 -1.70 2.06 27.93
N ARG A 208 -1.02 1.69 26.86
CA ARG A 208 0.21 2.38 26.49
C ARG A 208 -0.15 3.53 25.56
N ILE A 209 0.28 4.73 25.92
CA ILE A 209 0.05 5.90 25.08
C ILE A 209 1.44 6.42 24.75
N LEU A 210 1.79 6.35 23.47
CA LEU A 210 3.11 6.77 23.01
C LEU A 210 3.07 8.15 22.38
N TYR A 211 4.19 8.86 22.46
CA TYR A 211 4.28 10.18 21.84
C TYR A 211 5.09 10.05 20.55
N GLY A 212 4.68 10.79 19.53
CA GLY A 212 5.38 10.77 18.26
C GLY A 212 5.43 12.16 17.67
N GLY A 213 6.53 12.47 16.99
CA GLY A 213 6.68 13.78 16.38
C GLY A 213 7.99 14.42 16.76
N SER A 214 8.99 14.29 15.89
CA SER A 214 10.31 14.85 16.11
C SER A 214 11.01 14.32 17.36
N VAL A 215 10.73 13.06 17.68
CA VAL A 215 11.37 12.45 18.84
C VAL A 215 12.82 12.12 18.46
N THR A 216 13.73 12.41 19.37
CA THR A 216 15.15 12.13 19.12
C THR A 216 15.79 11.60 20.41
N ALA A 217 17.02 11.13 20.31
CA ALA A 217 17.72 10.61 21.48
C ALA A 217 17.94 11.76 22.46
N LYS A 218 18.04 12.97 21.93
CA LYS A 218 18.26 14.15 22.76
C LYS A 218 17.04 14.61 23.56
N ASN A 219 15.85 14.43 23.02
CA ASN A 219 14.64 14.87 23.72
C ASN A 219 13.77 13.74 24.26
N ALA A 220 14.16 12.49 23.99
CA ALA A 220 13.36 11.34 24.42
C ALA A 220 13.26 11.13 25.93
N ARG A 221 14.40 11.17 26.61
CA ARG A 221 14.40 10.95 28.05
C ARG A 221 13.49 11.87 28.86
N THR A 222 13.57 13.17 28.62
CA THR A 222 12.73 14.12 29.35
C THR A 222 11.25 13.87 29.08
N LEU A 223 10.92 13.50 27.85
CA LEU A 223 9.53 13.22 27.50
C LEU A 223 9.05 11.96 28.21
N TYR A 224 9.85 10.92 28.17
CA TYR A 224 9.46 9.65 28.79
C TYR A 224 9.21 9.74 30.29
N GLN A 225 9.91 10.65 30.97
CA GLN A 225 9.73 10.79 32.41
C GLN A 225 8.37 11.34 32.79
N MET A 226 7.64 11.88 31.82
CA MET A 226 6.31 12.40 32.12
C MET A 226 5.46 11.21 32.53
N ARG A 227 4.55 11.42 33.48
CA ARG A 227 3.71 10.35 34.02
C ARG A 227 2.79 9.57 33.08
N ASP A 228 2.30 10.19 32.01
CA ASP A 228 1.39 9.50 31.11
C ASP A 228 1.96 9.15 29.73
N ILE A 229 3.27 9.19 29.59
CA ILE A 229 3.92 8.85 28.32
C ILE A 229 4.55 7.47 28.52
N ASN A 230 4.16 6.53 27.66
CA ASN A 230 4.65 5.15 27.75
C ASN A 230 5.57 4.71 26.62
N GLY A 231 6.21 5.66 25.96
CA GLY A 231 7.09 5.30 24.88
C GLY A 231 6.97 6.25 23.71
N PHE A 232 7.50 5.83 22.56
CA PHE A 232 7.50 6.67 21.39
C PHE A 232 7.25 5.96 20.07
N LEU A 233 6.77 6.73 19.11
CA LEU A 233 6.58 6.27 17.75
C LEU A 233 7.59 7.20 17.11
N VAL A 234 8.65 6.62 16.57
CA VAL A 234 9.74 7.39 15.98
C VAL A 234 9.80 7.33 14.47
N GLY A 235 9.91 8.50 13.84
CA GLY A 235 9.96 8.57 12.40
C GLY A 235 11.38 8.66 11.86
N GLY A 236 11.79 9.88 11.52
CA GLY A 236 13.12 10.12 10.98
C GLY A 236 14.30 9.54 11.73
N ALA A 237 14.29 9.64 13.06
CA ALA A 237 15.40 9.12 13.85
C ALA A 237 15.42 7.60 13.99
N SER A 238 14.35 6.92 13.58
CA SER A 238 14.30 5.47 13.70
C SER A 238 15.10 4.76 12.61
N LEU A 239 15.45 5.51 11.57
CA LEU A 239 16.22 4.94 10.47
C LEU A 239 17.71 5.20 10.71
N LYS A 240 18.02 5.76 11.88
CA LYS A 240 19.40 6.07 12.29
C LYS A 240 19.81 5.23 13.49
N PRO A 241 21.12 5.14 13.76
CA PRO A 241 21.61 4.36 14.89
C PRO A 241 21.14 4.90 16.24
N GLU A 242 20.85 6.20 16.31
CA GLU A 242 20.41 6.79 17.57
C GLU A 242 19.09 6.21 18.07
N PHE A 243 18.43 5.41 17.23
CA PHE A 243 17.16 4.79 17.63
C PHE A 243 17.34 3.91 18.86
N VAL A 244 18.55 3.34 19.02
CA VAL A 244 18.85 2.49 20.15
C VAL A 244 18.84 3.32 21.44
N GLU A 245 19.37 4.53 21.36
CA GLU A 245 19.40 5.43 22.51
C GLU A 245 17.98 5.84 22.91
N ILE A 246 17.11 5.94 21.92
CA ILE A 246 15.72 6.32 22.18
C ILE A 246 15.05 5.21 22.97
N ILE A 247 15.39 3.96 22.64
CA ILE A 247 14.82 2.83 23.36
C ILE A 247 15.34 2.85 24.79
N GLU A 248 16.65 3.08 24.95
CA GLU A 248 17.25 3.13 26.27
C GLU A 248 16.58 4.21 27.12
N ALA A 249 16.08 5.24 26.45
CA ALA A 249 15.41 6.35 27.13
C ALA A 249 14.08 5.95 27.78
N THR A 250 13.61 4.73 27.53
CA THR A 250 12.35 4.27 28.13
C THR A 250 12.59 3.45 29.40
N LYS A 251 13.83 3.46 29.89
CA LYS A 251 14.20 2.72 31.09
C LYS A 251 13.57 3.36 32.33
N ALA B 2 -1.07 -3.09 -39.83
CA ALA B 2 0.20 -3.78 -39.46
C ALA B 2 -0.09 -4.97 -38.55
N SER B 3 0.92 -5.80 -38.35
CA SER B 3 0.81 -6.98 -37.50
C SER B 3 0.75 -6.54 -36.04
N LYS B 4 0.17 -7.38 -35.17
CA LYS B 4 0.08 -7.04 -33.75
C LYS B 4 1.45 -7.09 -33.09
N PRO B 5 1.70 -6.18 -32.13
CA PRO B 5 2.99 -6.20 -31.46
C PRO B 5 3.00 -7.37 -30.47
N GLN B 6 4.10 -7.54 -29.74
CA GLN B 6 4.21 -8.61 -28.76
C GLN B 6 3.07 -8.54 -27.75
N PRO B 7 2.29 -9.63 -27.61
CA PRO B 7 1.19 -9.61 -26.66
C PRO B 7 1.65 -9.66 -25.21
N ILE B 8 0.80 -9.20 -24.31
CA ILE B 8 1.10 -9.20 -22.88
C ILE B 8 0.00 -9.93 -22.14
N ALA B 9 0.38 -10.84 -21.25
CA ALA B 9 -0.57 -11.57 -20.43
C ALA B 9 -0.19 -11.22 -19.00
N ALA B 10 -0.89 -10.26 -18.41
CA ALA B 10 -0.58 -9.81 -17.06
C ALA B 10 -1.57 -10.31 -16.02
N ALA B 11 -1.04 -10.77 -14.89
CA ALA B 11 -1.86 -11.26 -13.80
C ALA B 11 -1.94 -10.24 -12.66
N ASN B 12 -3.13 -9.72 -12.39
CA ASN B 12 -3.29 -8.79 -11.30
C ASN B 12 -3.88 -9.57 -10.13
N TRP B 13 -3.03 -9.99 -9.20
CA TRP B 13 -3.50 -10.77 -8.05
C TRP B 13 -4.29 -9.92 -7.05
N LYS B 14 -4.28 -8.62 -7.24
CA LYS B 14 -4.99 -7.70 -6.36
C LYS B 14 -4.63 -7.96 -4.89
N CYS B 15 -5.56 -7.71 -3.98
CA CYS B 15 -5.29 -7.92 -2.56
C CYS B 15 -5.62 -9.36 -2.17
N ASN B 16 -4.81 -10.29 -2.67
CA ASN B 16 -4.98 -11.71 -2.41
C ASN B 16 -3.62 -12.36 -2.38
N GLY B 17 -3.50 -13.48 -1.67
CA GLY B 17 -2.23 -14.17 -1.63
C GLY B 17 -1.80 -14.65 -0.25
N SER B 18 -0.97 -15.69 -0.28
CA SER B 18 -0.43 -16.32 0.91
C SER B 18 0.65 -17.25 0.38
N GLU B 19 1.58 -17.65 1.24
CA GLU B 19 2.64 -18.54 0.79
C GLU B 19 2.05 -19.85 0.29
N SER B 20 1.07 -20.38 1.02
CA SER B 20 0.43 -21.65 0.66
C SER B 20 -0.24 -21.60 -0.70
N LEU B 21 -0.83 -20.46 -1.05
CA LEU B 21 -1.49 -20.31 -2.34
C LEU B 21 -0.53 -19.99 -3.48
N LEU B 22 0.29 -18.97 -3.29
CA LEU B 22 1.22 -18.51 -4.32
C LEU B 22 2.40 -19.40 -4.70
N VAL B 23 2.93 -20.17 -3.76
CA VAL B 23 4.06 -21.05 -4.09
C VAL B 23 3.68 -22.06 -5.17
N PRO B 24 2.56 -22.79 -4.98
CA PRO B 24 2.09 -23.79 -5.95
C PRO B 24 1.77 -23.16 -7.31
N LEU B 25 1.17 -21.98 -7.27
CA LEU B 25 0.80 -21.27 -8.49
C LEU B 25 2.06 -20.87 -9.24
N ILE B 26 3.02 -20.31 -8.50
CA ILE B 26 4.28 -19.88 -9.10
C ILE B 26 5.00 -21.07 -9.76
N GLU B 27 5.09 -22.19 -9.05
CA GLU B 27 5.77 -23.35 -9.62
C GLU B 27 5.00 -23.91 -10.80
N THR B 28 3.69 -23.70 -10.81
CA THR B 28 2.86 -24.14 -11.92
C THR B 28 3.17 -23.28 -13.13
N LEU B 29 3.34 -21.98 -12.90
CA LEU B 29 3.68 -21.07 -13.99
C LEU B 29 5.08 -21.39 -14.49
N ASN B 30 5.97 -21.70 -13.55
CA ASN B 30 7.36 -22.03 -13.89
C ASN B 30 7.46 -23.28 -14.77
N ALA B 31 6.60 -24.25 -14.49
CA ALA B 31 6.58 -25.51 -15.23
C ALA B 31 5.99 -25.39 -16.63
N ALA B 32 5.14 -24.41 -16.85
CA ALA B 32 4.53 -24.21 -18.16
C ALA B 32 5.55 -23.63 -19.14
N THR B 33 5.45 -24.03 -20.40
CA THR B 33 6.35 -23.54 -21.43
C THR B 33 5.54 -22.86 -22.52
N PHE B 34 5.90 -21.63 -22.84
CA PHE B 34 5.22 -20.86 -23.86
C PHE B 34 6.15 -20.68 -25.06
N ASP B 35 5.75 -21.25 -26.20
CA ASP B 35 6.55 -21.22 -27.42
C ASP B 35 6.54 -19.93 -28.24
N HIS B 36 5.52 -19.10 -28.06
CA HIS B 36 5.44 -17.86 -28.82
C HIS B 36 6.03 -16.66 -28.08
N ASP B 37 6.18 -15.54 -28.79
CA ASP B 37 6.70 -14.33 -28.19
C ASP B 37 5.59 -13.68 -27.40
N VAL B 38 5.78 -13.60 -26.09
CA VAL B 38 4.79 -13.01 -25.21
C VAL B 38 5.44 -12.52 -23.94
N GLN B 39 4.98 -11.38 -23.46
CA GLN B 39 5.49 -10.81 -22.24
C GLN B 39 4.46 -11.13 -21.16
N CYS B 40 4.85 -11.97 -20.22
CA CYS B 40 3.96 -12.32 -19.12
C CYS B 40 4.32 -11.44 -17.95
N VAL B 41 3.30 -11.09 -17.16
CA VAL B 41 3.51 -10.23 -16.01
C VAL B 41 2.67 -10.71 -14.84
N VAL B 42 3.25 -10.65 -13.65
CA VAL B 42 2.53 -11.02 -12.45
C VAL B 42 2.68 -9.85 -11.48
N ALA B 43 1.55 -9.38 -10.95
CA ALA B 43 1.55 -8.26 -10.02
C ALA B 43 1.07 -8.71 -8.65
N PRO B 44 2.00 -9.13 -7.79
CA PRO B 44 1.65 -9.60 -6.43
C PRO B 44 1.51 -8.38 -5.52
N THR B 45 0.97 -8.56 -4.32
CA THR B 45 0.88 -7.43 -3.39
C THR B 45 2.33 -7.15 -3.02
N PHE B 46 2.60 -5.97 -2.49
CA PHE B 46 3.97 -5.64 -2.10
C PHE B 46 4.57 -6.71 -1.18
N LEU B 47 3.77 -7.17 -0.23
CA LEU B 47 4.21 -8.18 0.75
C LEU B 47 4.70 -9.48 0.10
N HIS B 48 4.10 -9.84 -1.02
CA HIS B 48 4.45 -11.08 -1.69
C HIS B 48 5.45 -10.94 -2.84
N ILE B 49 5.88 -9.71 -3.12
CA ILE B 49 6.83 -9.51 -4.20
C ILE B 49 8.15 -10.24 -3.94
N PRO B 50 8.66 -10.19 -2.69
CA PRO B 50 9.91 -10.89 -2.38
C PRO B 50 9.89 -12.40 -2.65
N MET B 51 8.88 -13.10 -2.15
CA MET B 51 8.79 -14.55 -2.36
C MET B 51 8.62 -14.86 -3.84
N THR B 52 7.90 -14.00 -4.55
CA THR B 52 7.69 -14.18 -5.97
C THR B 52 8.99 -13.99 -6.74
N LYS B 53 9.75 -12.95 -6.40
CA LYS B 53 11.01 -12.69 -7.08
C LYS B 53 12.02 -13.81 -6.84
N ALA B 54 11.98 -14.40 -5.66
CA ALA B 54 12.90 -15.47 -5.30
C ALA B 54 12.50 -16.83 -5.87
N ARG B 55 11.24 -16.97 -6.28
CA ARG B 55 10.72 -18.23 -6.80
C ARG B 55 10.31 -18.26 -8.27
N LEU B 56 9.84 -17.14 -8.82
CA LEU B 56 9.40 -17.11 -10.21
C LEU B 56 10.58 -17.31 -11.18
N THR B 57 10.45 -18.26 -12.09
CA THR B 57 11.52 -18.56 -13.03
C THR B 57 11.16 -18.53 -14.51
N ASN B 58 9.87 -18.68 -14.83
CA ASN B 58 9.47 -18.68 -16.24
C ASN B 58 10.10 -17.48 -16.94
N PRO B 59 10.89 -17.73 -17.99
CA PRO B 59 11.57 -16.69 -18.77
C PRO B 59 10.69 -15.61 -19.40
N LYS B 60 9.42 -15.93 -19.63
CA LYS B 60 8.51 -14.97 -20.24
C LYS B 60 7.95 -13.95 -19.23
N PHE B 61 8.25 -14.16 -17.95
CA PHE B 61 7.70 -13.30 -16.90
C PHE B 61 8.51 -12.14 -16.33
N GLN B 62 7.79 -11.06 -16.02
CA GLN B 62 8.34 -9.87 -15.39
C GLN B 62 7.43 -9.69 -14.17
N ILE B 63 7.96 -9.13 -13.10
CA ILE B 63 7.15 -8.91 -11.90
C ILE B 63 6.82 -7.43 -11.81
N ALA B 64 5.55 -7.13 -11.54
CA ALA B 64 5.11 -5.75 -11.41
C ALA B 64 4.48 -5.45 -10.06
N ALA B 65 4.47 -4.18 -9.68
CA ALA B 65 3.83 -3.76 -8.46
C ALA B 65 2.42 -3.36 -8.91
N GLN B 66 1.45 -3.43 -8.00
CA GLN B 66 0.08 -3.07 -8.32
C GLN B 66 -0.16 -1.57 -8.18
N ASN B 67 0.85 -0.85 -7.70
CA ASN B 67 0.74 0.59 -7.50
C ASN B 67 2.06 1.13 -6.96
N ALA B 68 2.14 2.45 -6.80
CA ALA B 68 3.33 3.10 -6.26
C ALA B 68 3.09 4.59 -6.19
N ILE B 69 3.88 5.28 -5.37
CA ILE B 69 3.78 6.72 -5.28
C ILE B 69 5.04 7.26 -5.91
N THR B 70 5.00 8.53 -6.31
CA THR B 70 6.11 9.15 -7.00
C THR B 70 7.43 9.35 -6.24
N ARG B 71 7.36 9.53 -4.92
CA ARG B 71 8.62 9.72 -4.20
C ARG B 71 8.64 9.10 -2.81
N SER B 72 9.87 8.82 -2.35
CA SER B 72 10.07 8.24 -1.02
C SER B 72 9.93 9.38 -0.02
N GLY B 73 9.72 9.02 1.25
CA GLY B 73 9.58 10.05 2.27
C GLY B 73 8.53 9.73 3.31
N ALA B 74 7.93 10.78 3.88
CA ALA B 74 6.93 10.63 4.92
C ALA B 74 5.52 10.32 4.38
N PHE B 75 5.35 9.09 3.90
CA PHE B 75 4.08 8.64 3.33
C PHE B 75 3.80 7.24 3.89
N THR B 76 3.55 7.20 5.18
CA THR B 76 3.29 5.96 5.90
C THR B 76 2.33 5.04 5.16
N GLY B 77 2.73 3.79 4.99
CA GLY B 77 1.91 2.80 4.31
C GLY B 77 2.16 2.63 2.83
N GLU B 78 2.73 3.66 2.20
CA GLU B 78 2.98 3.64 0.77
C GLU B 78 4.36 3.12 0.35
N VAL B 79 4.47 2.76 -0.93
CA VAL B 79 5.71 2.27 -1.51
C VAL B 79 6.01 3.16 -2.71
N SER B 80 7.22 3.69 -2.76
CA SER B 80 7.60 4.59 -3.86
C SER B 80 8.23 3.86 -5.04
N LEU B 81 8.29 4.54 -6.18
CA LEU B 81 8.89 3.98 -7.39
C LEU B 81 10.36 3.67 -7.19
N GLN B 82 11.06 4.51 -6.44
CA GLN B 82 12.48 4.31 -6.19
C GLN B 82 12.77 3.08 -5.32
N ILE B 83 11.90 2.82 -4.35
CA ILE B 83 12.09 1.67 -3.49
C ILE B 83 11.89 0.40 -4.31
N LEU B 84 10.90 0.42 -5.20
CA LEU B 84 10.61 -0.72 -6.06
C LEU B 84 11.79 -0.95 -7.02
N LYS B 85 12.27 0.14 -7.62
CA LYS B 85 13.39 0.07 -8.56
C LYS B 85 14.65 -0.48 -7.88
N ASP B 86 14.88 -0.06 -6.64
CA ASP B 86 16.05 -0.55 -5.91
C ASP B 86 15.92 -2.04 -5.68
N TYR B 87 14.68 -2.52 -5.55
CA TYR B 87 14.43 -3.94 -5.34
C TYR B 87 14.50 -4.74 -6.63
N GLY B 88 14.58 -4.06 -7.76
CA GLY B 88 14.66 -4.76 -9.03
C GLY B 88 13.34 -4.94 -9.75
N ILE B 89 12.30 -4.25 -9.29
CA ILE B 89 11.00 -4.34 -9.93
C ILE B 89 10.96 -3.23 -10.97
N SER B 90 10.78 -3.62 -12.24
CA SER B 90 10.77 -2.68 -13.35
C SER B 90 9.42 -2.51 -14.05
N TRP B 91 8.39 -3.15 -13.51
CA TRP B 91 7.05 -3.04 -14.07
C TRP B 91 6.09 -2.58 -12.97
N VAL B 92 5.11 -1.75 -13.33
CA VAL B 92 4.15 -1.27 -12.36
C VAL B 92 2.79 -0.96 -12.98
N VAL B 93 1.73 -1.30 -12.27
CA VAL B 93 0.37 -1.02 -12.75
C VAL B 93 -0.04 0.29 -12.10
N LEU B 94 -0.63 1.19 -12.89
CA LEU B 94 -1.05 2.47 -12.36
C LEU B 94 -2.42 2.91 -12.85
N GLY B 95 -3.16 3.57 -11.97
CA GLY B 95 -4.48 4.06 -12.33
C GLY B 95 -5.58 3.02 -12.38
N HIS B 96 -5.36 1.86 -11.77
CA HIS B 96 -6.38 0.81 -11.78
C HIS B 96 -7.68 1.39 -11.25
N SER B 97 -8.80 1.00 -11.85
CA SER B 97 -10.11 1.49 -11.44
C SER B 97 -10.39 1.46 -9.94
N GLU B 98 -9.93 0.39 -9.27
CA GLU B 98 -10.15 0.27 -7.85
C GLU B 98 -9.47 1.38 -7.05
N ARG B 99 -8.34 1.87 -7.57
CA ARG B 99 -7.63 2.95 -6.89
C ARG B 99 -8.25 4.29 -7.27
N ARG B 100 -8.73 4.40 -8.50
CA ARG B 100 -9.37 5.64 -8.95
C ARG B 100 -10.68 5.82 -8.20
N LEU B 101 -11.38 4.72 -7.94
CA LEU B 101 -12.66 4.76 -7.26
C LEU B 101 -12.63 4.78 -5.73
N TYR B 102 -11.83 3.90 -5.12
CA TYR B 102 -11.77 3.83 -3.66
C TYR B 102 -10.70 4.70 -3.03
N TYR B 103 -9.60 4.93 -3.74
CA TYR B 103 -8.50 5.71 -3.18
C TYR B 103 -8.26 7.06 -3.84
N GLY B 104 -9.32 7.63 -4.38
CA GLY B 104 -9.27 8.95 -5.01
C GLY B 104 -8.15 9.31 -5.97
N GLU B 105 -7.71 8.35 -6.78
CA GLU B 105 -6.65 8.66 -7.73
C GLU B 105 -7.27 9.32 -8.96
N THR B 106 -7.08 10.64 -9.05
CA THR B 106 -7.60 11.45 -10.14
C THR B 106 -6.76 11.24 -11.39
N ASN B 107 -7.20 11.81 -12.51
CA ASN B 107 -6.45 11.69 -13.74
C ASN B 107 -5.07 12.30 -13.59
N GLU B 108 -4.99 13.44 -12.90
CA GLU B 108 -3.74 14.15 -12.68
C GLU B 108 -2.80 13.31 -11.80
N ILE B 109 -3.35 12.72 -10.74
CA ILE B 109 -2.54 11.90 -9.86
C ILE B 109 -2.01 10.69 -10.62
N VAL B 110 -2.86 10.06 -11.41
CA VAL B 110 -2.45 8.90 -12.20
C VAL B 110 -1.43 9.33 -13.25
N ALA B 111 -1.71 10.45 -13.91
CA ALA B 111 -0.82 10.95 -14.94
C ALA B 111 0.56 11.24 -14.37
N GLU B 112 0.61 11.89 -13.20
CA GLU B 112 1.89 12.21 -12.58
C GLU B 112 2.64 10.93 -12.19
N LYS B 113 1.92 9.95 -11.67
CA LYS B 113 2.55 8.68 -11.28
C LYS B 113 3.17 8.01 -12.51
N VAL B 114 2.43 8.01 -13.62
CA VAL B 114 2.89 7.41 -14.86
C VAL B 114 4.12 8.12 -15.41
N ALA B 115 4.11 9.45 -15.35
CA ALA B 115 5.21 10.26 -15.86
C ALA B 115 6.50 9.96 -15.08
N GLN B 116 6.41 9.92 -13.76
CA GLN B 116 7.60 9.65 -12.96
C GLN B 116 8.03 8.20 -13.12
N ALA B 117 7.06 7.32 -13.34
CA ALA B 117 7.36 5.91 -13.53
C ALA B 117 8.20 5.77 -14.79
N CYS B 118 7.73 6.36 -15.89
CA CYS B 118 8.44 6.28 -17.15
C CYS B 118 9.81 6.94 -17.03
N ALA B 119 9.88 8.06 -16.32
CA ALA B 119 11.15 8.75 -16.12
C ALA B 119 12.11 7.86 -15.34
N ALA B 120 11.55 6.99 -14.50
CA ALA B 120 12.36 6.08 -13.68
C ALA B 120 12.75 4.81 -14.44
N GLY B 121 12.32 4.71 -15.70
CA GLY B 121 12.66 3.55 -16.51
C GLY B 121 11.72 2.36 -16.45
N PHE B 122 10.61 2.49 -15.73
CA PHE B 122 9.64 1.39 -15.62
C PHE B 122 8.83 1.19 -16.89
N HIS B 123 8.25 -0.01 -17.00
CA HIS B 123 7.34 -0.29 -18.10
C HIS B 123 6.06 -0.09 -17.30
N VAL B 124 5.11 0.65 -17.85
CA VAL B 124 3.90 0.94 -17.11
C VAL B 124 2.62 0.47 -17.79
N ILE B 125 1.79 -0.23 -17.02
CA ILE B 125 0.51 -0.67 -17.53
C ILE B 125 -0.45 0.39 -17.02
N VAL B 126 -0.86 1.29 -17.91
CA VAL B 126 -1.76 2.39 -17.59
C VAL B 126 -3.21 1.96 -17.73
N CYS B 127 -3.96 1.99 -16.63
CA CYS B 127 -5.35 1.58 -16.67
C CYS B 127 -6.30 2.75 -16.89
N VAL B 128 -7.27 2.53 -17.78
CA VAL B 128 -8.30 3.51 -18.09
C VAL B 128 -9.62 2.73 -18.15
N GLY B 129 -10.75 3.43 -18.04
CA GLY B 129 -12.03 2.77 -18.07
C GLY B 129 -13.15 3.63 -17.53
N GLU B 130 -14.36 3.46 -18.08
CA GLU B 130 -15.52 4.24 -17.65
C GLU B 130 -16.47 3.40 -16.82
N THR B 131 -17.20 4.05 -15.91
CA THR B 131 -18.17 3.39 -15.04
C THR B 131 -19.49 3.16 -15.77
N ASN B 132 -20.40 2.43 -15.11
CA ASN B 132 -21.71 2.16 -15.67
C ASN B 132 -22.46 3.46 -15.93
N GLU B 133 -22.46 4.35 -14.92
CA GLU B 133 -23.14 5.62 -15.05
C GLU B 133 -22.62 6.42 -16.23
N GLU B 134 -21.30 6.50 -16.35
CA GLU B 134 -20.69 7.24 -17.44
C GLU B 134 -21.06 6.64 -18.80
N ARG B 135 -21.08 5.31 -18.88
CA ARG B 135 -21.40 4.64 -20.12
C ARG B 135 -22.87 4.87 -20.49
N GLU B 136 -23.76 4.76 -19.51
CA GLU B 136 -25.18 4.97 -19.73
C GLU B 136 -25.46 6.40 -20.16
N ALA B 137 -24.57 7.32 -19.80
CA ALA B 137 -24.73 8.72 -20.16
C ALA B 137 -24.12 8.99 -21.53
N GLY B 138 -23.57 7.94 -22.14
CA GLY B 138 -22.97 8.06 -23.45
C GLY B 138 -21.60 8.74 -23.38
N ARG B 139 -20.95 8.62 -22.23
CA ARG B 139 -19.65 9.26 -22.03
C ARG B 139 -18.44 8.33 -22.07
N THR B 140 -18.57 7.16 -22.68
CA THR B 140 -17.43 6.25 -22.74
C THR B 140 -16.20 6.91 -23.38
N ALA B 141 -16.36 7.42 -24.59
CA ALA B 141 -15.26 8.07 -25.30
C ALA B 141 -14.68 9.26 -24.55
N ALA B 142 -15.54 10.17 -24.13
CA ALA B 142 -15.09 11.36 -23.41
C ALA B 142 -14.30 10.99 -22.16
N VAL B 143 -14.79 10.01 -21.41
CA VAL B 143 -14.13 9.58 -20.18
C VAL B 143 -12.78 8.92 -20.39
N VAL B 144 -12.75 7.80 -21.11
CA VAL B 144 -11.49 7.09 -21.34
C VAL B 144 -10.43 7.90 -22.08
N LEU B 145 -10.84 8.67 -23.08
CA LEU B 145 -9.89 9.48 -23.83
C LEU B 145 -9.34 10.62 -22.99
N THR B 146 -10.14 11.14 -22.07
CA THR B 146 -9.66 12.22 -21.21
C THR B 146 -8.66 11.64 -20.21
N GLN B 147 -8.90 10.41 -19.77
CA GLN B 147 -7.98 9.76 -18.85
C GLN B 147 -6.68 9.51 -19.59
N LEU B 148 -6.79 9.01 -20.81
CA LEU B 148 -5.62 8.72 -21.63
C LEU B 148 -4.88 10.02 -21.97
N ALA B 149 -5.63 11.05 -22.36
CA ALA B 149 -5.02 12.32 -22.70
C ALA B 149 -4.23 12.91 -21.54
N ALA B 150 -4.77 12.79 -20.33
CA ALA B 150 -4.11 13.33 -19.14
C ALA B 150 -2.71 12.74 -19.00
N VAL B 151 -2.59 11.44 -19.18
CA VAL B 151 -1.28 10.80 -19.07
C VAL B 151 -0.41 11.13 -20.28
N ALA B 152 -1.03 11.16 -21.46
CA ALA B 152 -0.30 11.44 -22.70
C ALA B 152 0.39 12.81 -22.71
N GLN B 153 -0.25 13.80 -22.10
CA GLN B 153 0.29 15.15 -22.05
C GLN B 153 1.60 15.26 -21.27
N LYS B 154 1.77 14.40 -20.26
CA LYS B 154 2.98 14.42 -19.45
C LYS B 154 4.13 13.63 -20.03
N LEU B 155 3.87 12.85 -21.08
CA LEU B 155 4.92 12.02 -21.67
C LEU B 155 5.46 12.54 -23.00
N SER B 156 6.67 12.08 -23.33
CA SER B 156 7.32 12.42 -24.59
C SER B 156 7.08 11.21 -25.48
N LYS B 157 7.21 11.38 -26.79
CA LYS B 157 6.97 10.28 -27.72
C LYS B 157 7.78 9.02 -27.42
N GLU B 158 9.05 9.18 -27.06
CA GLU B 158 9.92 8.03 -26.77
C GLU B 158 9.50 7.20 -25.58
N ALA B 159 8.79 7.82 -24.63
CA ALA B 159 8.34 7.10 -23.44
C ALA B 159 7.36 5.98 -23.74
N TRP B 160 6.56 6.16 -24.80
CA TRP B 160 5.57 5.15 -25.16
C TRP B 160 6.10 3.75 -25.43
N SER B 161 7.40 3.61 -25.67
CA SER B 161 7.96 2.30 -25.92
C SER B 161 7.85 1.46 -24.65
N ARG B 162 7.71 2.13 -23.51
CA ARG B 162 7.59 1.43 -22.23
C ARG B 162 6.22 1.64 -21.59
N VAL B 163 5.25 2.08 -22.39
CA VAL B 163 3.90 2.29 -21.90
C VAL B 163 2.98 1.21 -22.42
N VAL B 164 2.03 0.80 -21.58
CA VAL B 164 1.04 -0.21 -21.94
C VAL B 164 -0.29 0.29 -21.43
N ILE B 165 -1.33 0.18 -22.26
CA ILE B 165 -2.66 0.62 -21.85
C ILE B 165 -3.56 -0.58 -21.55
N ALA B 166 -4.32 -0.49 -20.46
CA ALA B 166 -5.25 -1.56 -20.10
C ALA B 166 -6.63 -0.94 -19.98
N TYR B 167 -7.58 -1.45 -20.77
CA TYR B 167 -8.93 -0.94 -20.71
C TYR B 167 -9.77 -1.78 -19.77
N GLU B 168 -10.30 -1.13 -18.74
CA GLU B 168 -11.13 -1.79 -17.76
C GLU B 168 -12.58 -1.41 -18.00
N PRO B 169 -13.43 -2.38 -18.40
CA PRO B 169 -14.83 -2.04 -18.61
C PRO B 169 -15.47 -1.98 -17.23
N VAL B 170 -15.20 -0.91 -16.49
CA VAL B 170 -15.72 -0.75 -15.14
C VAL B 170 -17.24 -0.93 -15.08
N TRP B 171 -17.91 -0.54 -16.16
CA TRP B 171 -19.36 -0.65 -16.28
C TRP B 171 -19.80 -2.11 -16.21
N ALA B 172 -18.96 -2.99 -16.74
CA ALA B 172 -19.26 -4.43 -16.75
C ALA B 172 -18.91 -5.04 -15.40
N ILE B 173 -17.67 -4.82 -14.97
CA ILE B 173 -17.20 -5.34 -13.70
C ILE B 173 -18.11 -4.86 -12.56
N GLY B 174 -18.43 -3.57 -12.58
CA GLY B 174 -19.28 -2.98 -11.54
C GLY B 174 -20.72 -3.45 -11.53
N THR B 175 -21.17 -4.10 -12.60
CA THR B 175 -22.53 -4.60 -12.67
C THR B 175 -22.56 -6.13 -12.73
N GLY B 176 -21.41 -6.74 -12.45
CA GLY B 176 -21.29 -8.18 -12.46
C GLY B 176 -21.53 -8.82 -13.82
N LYS B 177 -21.19 -8.09 -14.88
CA LYS B 177 -21.38 -8.61 -16.23
C LYS B 177 -20.07 -8.95 -16.91
N VAL B 178 -20.16 -9.82 -17.91
CA VAL B 178 -19.01 -10.23 -18.68
C VAL B 178 -19.17 -9.54 -20.04
N ALA B 179 -18.31 -8.56 -20.31
CA ALA B 179 -18.37 -7.84 -21.58
C ALA B 179 -18.01 -8.81 -22.71
N THR B 180 -18.62 -8.62 -23.87
CA THR B 180 -18.35 -9.48 -25.02
C THR B 180 -17.09 -9.01 -25.72
N PRO B 181 -16.52 -9.85 -26.61
CA PRO B 181 -15.31 -9.44 -27.33
C PRO B 181 -15.59 -8.19 -28.15
N GLN B 182 -16.83 -8.09 -28.63
CA GLN B 182 -17.26 -6.95 -29.42
C GLN B 182 -17.28 -5.65 -28.60
N GLN B 183 -17.82 -5.72 -27.39
CA GLN B 183 -17.87 -4.53 -26.53
C GLN B 183 -16.45 -4.13 -26.16
N ALA B 184 -15.58 -5.11 -25.97
CA ALA B 184 -14.20 -4.85 -25.62
C ALA B 184 -13.51 -4.13 -26.78
N GLN B 185 -13.61 -4.74 -27.96
CA GLN B 185 -13.01 -4.19 -29.18
C GLN B 185 -13.54 -2.79 -29.52
N GLU B 186 -14.80 -2.53 -29.20
CA GLU B 186 -15.38 -1.22 -29.50
C GLU B 186 -14.56 -0.11 -28.86
N VAL B 187 -14.11 -0.34 -27.63
CA VAL B 187 -13.31 0.67 -26.94
C VAL B 187 -11.85 0.62 -27.40
N HIS B 188 -11.32 -0.58 -27.61
CA HIS B 188 -9.94 -0.69 -28.06
C HIS B 188 -9.77 0.00 -29.41
N GLU B 189 -10.80 -0.06 -30.24
CA GLU B 189 -10.76 0.57 -31.56
C GLU B 189 -10.61 2.10 -31.41
N LEU B 190 -11.41 2.68 -30.52
CA LEU B 190 -11.36 4.12 -30.32
C LEU B 190 -10.08 4.55 -29.61
N LEU B 191 -9.57 3.69 -28.72
CA LEU B 191 -8.34 4.00 -28.03
C LEU B 191 -7.18 4.05 -29.02
N ARG B 192 -7.11 3.06 -29.91
CA ARG B 192 -6.02 3.04 -30.87
C ARG B 192 -6.18 4.14 -31.92
N ARG B 193 -7.42 4.50 -32.22
CA ARG B 193 -7.70 5.56 -33.20
C ARG B 193 -7.14 6.87 -32.65
N TRP B 194 -7.36 7.11 -31.36
CA TRP B 194 -6.88 8.32 -30.71
C TRP B 194 -5.34 8.33 -30.71
N VAL B 195 -4.75 7.21 -30.32
CA VAL B 195 -3.29 7.11 -30.30
C VAL B 195 -2.70 7.30 -31.70
N ARG B 196 -3.36 6.71 -32.70
CA ARG B 196 -2.88 6.80 -34.07
C ARG B 196 -2.89 8.24 -34.58
N SER B 197 -3.89 9.01 -34.20
CA SER B 197 -4.02 10.39 -34.66
C SER B 197 -3.24 11.42 -33.84
N LYS B 198 -3.12 11.19 -32.54
CA LYS B 198 -2.41 12.12 -31.67
C LYS B 198 -0.92 11.84 -31.46
N LEU B 199 -0.56 10.56 -31.41
CA LEU B 199 0.83 10.19 -31.17
C LEU B 199 1.60 9.72 -32.40
N GLY B 200 0.91 9.07 -33.34
CA GLY B 200 1.59 8.61 -34.52
C GLY B 200 1.30 7.18 -34.92
N THR B 201 1.39 6.89 -36.21
CA THR B 201 1.13 5.56 -36.72
C THR B 201 2.11 4.55 -36.13
N ASP B 202 3.35 4.98 -35.93
CA ASP B 202 4.37 4.10 -35.36
C ASP B 202 4.03 3.73 -33.92
N ILE B 203 3.66 4.72 -33.13
CA ILE B 203 3.30 4.50 -31.72
C ILE B 203 2.08 3.58 -31.60
N ALA B 204 1.05 3.87 -32.39
CA ALA B 204 -0.18 3.07 -32.36
C ALA B 204 0.06 1.61 -32.74
N ALA B 205 0.92 1.38 -33.72
CA ALA B 205 1.22 0.01 -34.17
C ALA B 205 2.03 -0.79 -33.15
N GLN B 206 2.85 -0.11 -32.36
CA GLN B 206 3.69 -0.80 -31.39
C GLN B 206 3.05 -0.88 -30.01
N LEU B 207 2.02 -0.07 -29.79
CA LEU B 207 1.34 -0.03 -28.48
C LEU B 207 0.50 -1.25 -28.15
N ARG B 208 0.73 -1.82 -26.97
CA ARG B 208 -0.08 -2.95 -26.53
C ARG B 208 -1.25 -2.36 -25.75
N ILE B 209 -2.46 -2.70 -26.19
CA ILE B 209 -3.67 -2.24 -25.51
C ILE B 209 -4.34 -3.50 -24.97
N LEU B 210 -4.19 -3.72 -23.68
CA LEU B 210 -4.73 -4.90 -23.02
C LEU B 210 -6.15 -4.76 -22.53
N TYR B 211 -6.89 -5.85 -22.60
CA TYR B 211 -8.27 -5.88 -22.15
C TYR B 211 -8.23 -6.25 -20.68
N GLY B 212 -8.81 -5.39 -19.84
CA GLY B 212 -8.83 -5.61 -18.41
C GLY B 212 -10.18 -5.94 -17.79
N GLY B 213 -11.04 -6.58 -18.58
CA GLY B 213 -12.35 -6.97 -18.07
C GLY B 213 -12.29 -8.41 -17.60
N SER B 214 -13.42 -9.10 -17.64
CA SER B 214 -13.48 -10.50 -17.22
C SER B 214 -12.82 -11.42 -18.24
N VAL B 215 -11.69 -12.02 -17.86
CA VAL B 215 -10.94 -12.92 -18.73
C VAL B 215 -10.75 -14.28 -18.06
N THR B 216 -11.07 -15.35 -18.79
CA THR B 216 -10.93 -16.71 -18.29
C THR B 216 -10.45 -17.57 -19.45
N ALA B 217 -10.08 -18.82 -19.18
CA ALA B 217 -9.63 -19.70 -20.26
C ALA B 217 -10.74 -19.92 -21.27
N LYS B 218 -11.97 -19.61 -20.86
CA LYS B 218 -13.13 -19.80 -21.74
C LYS B 218 -13.27 -18.73 -22.81
N ASN B 219 -12.93 -17.49 -22.48
CA ASN B 219 -13.08 -16.40 -23.44
C ASN B 219 -11.79 -15.69 -23.85
N ALA B 220 -10.65 -16.14 -23.33
CA ALA B 220 -9.38 -15.50 -23.67
C ALA B 220 -9.07 -15.47 -25.16
N ARG B 221 -9.19 -16.63 -25.81
CA ARG B 221 -8.89 -16.72 -27.23
C ARG B 221 -9.80 -15.84 -28.10
N THR B 222 -11.09 -15.80 -27.78
CA THR B 222 -12.04 -15.01 -28.54
C THR B 222 -11.75 -13.52 -28.37
N LEU B 223 -11.28 -13.14 -27.20
CA LEU B 223 -10.95 -11.73 -26.95
C LEU B 223 -9.70 -11.37 -27.74
N TYR B 224 -8.67 -12.22 -27.68
CA TYR B 224 -7.43 -11.95 -28.38
C TYR B 224 -7.63 -11.90 -29.89
N GLN B 225 -8.67 -12.56 -30.37
CA GLN B 225 -8.94 -12.56 -31.80
C GLN B 225 -9.34 -11.17 -32.29
N MET B 226 -9.79 -10.32 -31.37
CA MET B 226 -10.20 -8.97 -31.77
C MET B 226 -8.97 -8.17 -32.22
N ARG B 227 -9.16 -7.44 -33.31
CA ARG B 227 -8.10 -6.65 -33.95
C ARG B 227 -7.24 -5.75 -33.08
N ASP B 228 -7.84 -5.07 -32.10
CA ASP B 228 -7.08 -4.16 -31.26
C ASP B 228 -6.81 -4.61 -29.84
N ILE B 229 -6.94 -5.90 -29.57
CA ILE B 229 -6.66 -6.43 -28.24
C ILE B 229 -5.30 -7.12 -28.30
N ASN B 230 -4.37 -6.68 -27.45
CA ASN B 230 -3.02 -7.23 -27.44
C ASN B 230 -2.69 -8.06 -26.20
N GLY B 231 -3.71 -8.50 -25.49
CA GLY B 231 -3.46 -9.28 -24.30
C GLY B 231 -4.45 -8.92 -23.23
N PHE B 232 -4.10 -9.27 -21.99
CA PHE B 232 -5.00 -9.02 -20.89
C PHE B 232 -4.35 -8.60 -19.58
N LEU B 233 -5.19 -8.08 -18.70
CA LEU B 233 -4.84 -7.69 -17.34
C LEU B 233 -5.92 -8.54 -16.66
N VAL B 234 -5.51 -9.73 -16.22
CA VAL B 234 -6.42 -10.70 -15.62
C VAL B 234 -6.64 -10.61 -14.11
N GLY B 235 -7.89 -10.80 -13.71
CA GLY B 235 -8.24 -10.75 -12.31
C GLY B 235 -8.23 -12.13 -11.65
N GLY B 236 -9.36 -12.51 -11.06
CA GLY B 236 -9.47 -13.79 -10.37
C GLY B 236 -8.87 -15.03 -11.01
N ALA B 237 -8.99 -15.16 -12.32
CA ALA B 237 -8.46 -16.34 -13.00
C ALA B 237 -6.94 -16.39 -13.02
N SER B 238 -6.28 -15.27 -12.74
CA SER B 238 -4.82 -15.20 -12.73
C SER B 238 -4.25 -15.81 -11.46
N LEU B 239 -5.14 -16.20 -10.55
CA LEU B 239 -4.73 -16.83 -9.29
C LEU B 239 -4.94 -18.34 -9.40
N LYS B 240 -5.28 -18.80 -10.60
CA LYS B 240 -5.54 -20.23 -10.84
C LYS B 240 -4.62 -20.82 -11.91
N PRO B 241 -4.47 -22.16 -11.93
CA PRO B 241 -3.60 -22.80 -12.92
C PRO B 241 -4.10 -22.47 -14.32
N GLU B 242 -5.37 -22.09 -14.39
CA GLU B 242 -6.05 -21.71 -15.61
C GLU B 242 -5.32 -20.58 -16.33
N PHE B 243 -4.61 -19.75 -15.57
CA PHE B 243 -3.88 -18.64 -16.16
C PHE B 243 -2.91 -19.10 -17.25
N VAL B 244 -2.45 -20.35 -17.16
CA VAL B 244 -1.54 -20.90 -18.15
C VAL B 244 -2.22 -20.91 -19.52
N GLU B 245 -3.46 -21.39 -19.56
CA GLU B 245 -4.21 -21.43 -20.82
C GLU B 245 -4.50 -20.03 -21.36
N ILE B 246 -4.74 -19.09 -20.46
CA ILE B 246 -5.03 -17.72 -20.85
C ILE B 246 -3.82 -17.11 -21.56
N ILE B 247 -2.63 -17.41 -21.06
CA ILE B 247 -1.39 -16.95 -21.66
C ILE B 247 -1.24 -17.57 -23.04
N GLU B 248 -1.50 -18.88 -23.13
CA GLU B 248 -1.39 -19.61 -24.38
C GLU B 248 -2.38 -19.08 -25.43
N ALA B 249 -3.47 -18.47 -24.98
CA ALA B 249 -4.47 -17.93 -25.88
C ALA B 249 -3.99 -16.70 -26.65
N THR B 250 -2.81 -16.19 -26.31
CA THR B 250 -2.27 -15.02 -27.00
C THR B 250 -1.30 -15.43 -28.10
N LYS B 251 -1.25 -16.73 -28.42
CA LYS B 251 -0.34 -17.24 -29.45
C LYS B 251 -0.78 -16.91 -30.88
#